data_7RW7
#
_entry.id   7RW7
#
_cell.length_a   68.102
_cell.length_b   93.997
_cell.length_c   116.356
_cell.angle_alpha   90.000
_cell.angle_beta   90.000
_cell.angle_gamma   90.000
#
_symmetry.space_group_name_H-M   'I 2 2 2'
#
loop_
_entity.id
_entity.type
_entity.pdbx_description
1 polymer 'S-adenosylmethionine synthase isoform type-2'
2 non-polymer S-ADENOSYLMETHIONINE
3 non-polymer 'CHLORIDE ION'
4 non-polymer 1,2-ETHANEDIOL
5 non-polymer DI(HYDROXYETHYL)ETHER
6 non-polymer "(3'R)-2-[(cyclopropylmethyl)amino]-6-(4-methoxyphenyl)-1'-[(1H-pyrazol-5-yl)methyl]-5,6-dihydro-7H-spiro[pyrido[4,3-d]pyrimidine-8,3'-pyrrolidin]-7-one"
7 water water
#
_entity_poly.entity_id   1
_entity_poly.type   'polypeptide(L)'
_entity_poly.pdbx_seq_one_letter_code
;SMNGQLNGFHEAFIEEGTFLFTSESVGEGHPDKICDQISDAVLDAHLQQDPDAKVACETVAKTGMILLAGEITSRAAVDY
QKVVREAVKHIGYDDSSKGFDYKTCNVLVALEQQSPDIAQGVHLDRNEEDIGAGDQGLMFGYATDETEECMPLTIVLAHK
LNAKLAELRRNGTLPWLRPDSKTQVTVQYMQDRGAVLPIRVHTIVISVQHDEEVCLDEMRDALKEKVIKAVVPAKYLDED
TIYHLQPSGRFVIGGPQGDAGLTGRKIIVDTYGGWGAHGGGAFSGKDYTKVDRSAAYAARWVAKSLVKGGLCRRVLVQVS
YAIGVSHPLSISIFHYGTSQKSERELLEIVKKNFDLRPGVIVRDLDLKKPIYQRTAAYGHFGRDSFPWEVPKKLKY
;
_entity_poly.pdbx_strand_id   A
#
loop_
_chem_comp.id
_chem_comp.type
_chem_comp.name
_chem_comp.formula
7UB non-polymer (3'R)-2-[(cyclopropylmethyl)amino]-6-(4-methoxyphenyl)-1'-[(1H-pyrazol-5-yl)methyl]-5,6-dihydro-7H-spiro[pyrido[4,3-d]pyrimidine-8,3'-pyrrolidin]-7-one 'C25 H29 N7 O2'
CL non-polymer 'CHLORIDE ION' 'Cl -1'
EDO non-polymer 1,2-ETHANEDIOL 'C2 H6 O2'
PEG non-polymer DI(HYDROXYETHYL)ETHER 'C4 H10 O3'
SAM non-polymer S-ADENOSYLMETHIONINE 'C15 H22 N6 O5 S'
#
# COMPACT_ATOMS: atom_id res chain seq x y z
N ILE A 14 -0.19 -1.17 31.52
CA ILE A 14 0.65 -0.31 30.69
C ILE A 14 1.55 0.58 31.54
N GLU A 15 2.84 0.26 31.56
CA GLU A 15 3.79 1.07 32.29
CA GLU A 15 3.80 1.07 32.28
C GLU A 15 3.85 2.48 31.70
N GLU A 16 4.05 3.48 32.56
CA GLU A 16 4.19 4.84 32.06
C GLU A 16 5.36 4.87 31.09
N GLY A 17 5.21 5.66 30.05
CA GLY A 17 6.21 5.71 29.01
C GLY A 17 6.09 4.62 27.98
N THR A 18 5.12 3.74 28.10
CA THR A 18 4.82 2.77 27.07
C THR A 18 3.38 2.93 26.59
N PHE A 19 3.07 2.33 25.45
CA PHE A 19 1.72 2.48 24.92
C PHE A 19 1.47 1.38 23.90
N LEU A 20 0.20 1.24 23.55
CA LEU A 20 -0.21 0.28 22.53
C LEU A 20 -0.49 0.96 21.20
N PHE A 21 -0.27 0.22 20.11
CA PHE A 21 -0.72 0.67 18.80
C PHE A 21 -1.14 -0.52 17.98
N THR A 22 -2.15 -0.33 17.13
CA THR A 22 -2.69 -1.42 16.30
C THR A 22 -2.65 -1.02 14.82
N SER A 23 -2.28 -1.99 13.99
CA SER A 23 -2.44 -1.87 12.54
C SER A 23 -3.00 -3.16 11.98
N GLU A 24 -3.58 -3.09 10.77
CA GLU A 24 -4.07 -4.28 10.07
C GLU A 24 -3.46 -4.41 8.67
N SER A 25 -3.64 -5.59 8.10
CA SER A 25 -3.33 -5.80 6.69
C SER A 25 -4.35 -6.77 6.16
N VAL A 26 -4.37 -6.93 4.82
CA VAL A 26 -5.26 -7.88 4.17
C VAL A 26 -4.50 -8.66 3.12
N GLY A 27 -5.07 -9.81 2.74
CA GLY A 27 -4.42 -10.67 1.77
C GLY A 27 -4.74 -10.30 0.32
N GLU A 28 -4.07 -11.01 -0.58
CA GLU A 28 -4.22 -10.74 -2.03
C GLU A 28 -5.64 -10.98 -2.51
N GLY A 29 -6.38 -11.87 -1.87
CA GLY A 29 -7.73 -12.12 -2.28
C GLY A 29 -8.79 -11.39 -1.51
N HIS A 30 -8.39 -10.50 -0.62
CA HIS A 30 -9.38 -9.63 0.01
C HIS A 30 -10.01 -8.79 -1.11
N PRO A 31 -11.34 -8.61 -1.14
CA PRO A 31 -11.97 -8.05 -2.37
C PRO A 31 -11.51 -6.65 -2.69
N ASP A 32 -11.26 -5.80 -1.68
CA ASP A 32 -10.71 -4.47 -1.97
C ASP A 32 -9.34 -4.58 -2.60
N LYS A 33 -8.49 -5.46 -2.07
CA LYS A 33 -7.17 -5.65 -2.62
C LYS A 33 -7.19 -6.26 -4.01
N ILE A 34 -8.14 -7.17 -4.30
CA ILE A 34 -8.32 -7.66 -5.67
C ILE A 34 -8.44 -6.46 -6.60
N CYS A 35 -9.27 -5.50 -6.22
CA CYS A 35 -9.54 -4.34 -7.07
C CYS A 35 -8.28 -3.49 -7.24
N ASP A 36 -7.52 -3.25 -6.17
CA ASP A 36 -6.28 -2.51 -6.32
C ASP A 36 -5.36 -3.21 -7.31
N GLN A 37 -5.19 -4.54 -7.16
CA GLN A 37 -4.31 -5.29 -8.04
C GLN A 37 -4.77 -5.25 -9.49
N ILE A 38 -6.08 -5.39 -9.72
CA ILE A 38 -6.61 -5.27 -11.08
C ILE A 38 -6.37 -3.88 -11.65
N SER A 39 -6.65 -2.84 -10.85
CA SER A 39 -6.43 -1.49 -11.35
C SER A 39 -4.99 -1.30 -11.77
N ASP A 40 -4.05 -1.84 -10.98
CA ASP A 40 -2.64 -1.69 -11.32
C ASP A 40 -2.19 -2.63 -12.45
N ALA A 41 -2.83 -3.80 -12.60
CA ALA A 41 -2.59 -4.64 -13.77
C ALA A 41 -2.99 -3.90 -15.05
N VAL A 42 -4.08 -3.17 -15.00
CA VAL A 42 -4.52 -2.37 -16.12
C VAL A 42 -3.54 -1.23 -16.42
N LEU A 43 -3.11 -0.52 -15.38
CA LEU A 43 -2.11 0.52 -15.55
C LEU A 43 -0.84 -0.03 -16.18
N ASP A 44 -0.32 -1.13 -15.62
CA ASP A 44 0.90 -1.74 -16.16
C ASP A 44 0.72 -2.14 -17.63
N ALA A 45 -0.44 -2.72 -17.98
CA ALA A 45 -0.66 -3.13 -19.37
C ALA A 45 -0.57 -1.93 -20.31
N HIS A 46 -1.19 -0.80 -19.94
CA HIS A 46 -1.06 0.40 -20.74
C HIS A 46 0.39 0.89 -20.81
N LEU A 47 1.07 0.95 -19.66
CA LEU A 47 2.45 1.46 -19.63
C LEU A 47 3.41 0.60 -20.44
N GLN A 48 3.14 -0.70 -20.58
CA GLN A 48 4.01 -1.56 -21.38
CA GLN A 48 4.00 -1.56 -21.37
C GLN A 48 4.04 -1.11 -22.82
N GLN A 49 2.97 -0.49 -23.30
CA GLN A 49 2.87 -0.06 -24.67
C GLN A 49 3.00 1.45 -24.84
N ASP A 50 2.55 2.22 -23.86
CA ASP A 50 2.54 3.67 -23.94
C ASP A 50 2.98 4.21 -22.59
N PRO A 51 4.26 4.56 -22.44
CA PRO A 51 4.77 5.03 -21.13
C PRO A 51 4.13 6.31 -20.66
N ASP A 52 3.45 7.04 -21.56
CA ASP A 52 2.75 8.28 -21.23
C ASP A 52 1.24 8.09 -21.11
N ALA A 53 0.77 6.86 -20.95
CA ALA A 53 -0.67 6.62 -20.77
C ALA A 53 -1.19 7.41 -19.60
N LYS A 54 -2.36 8.01 -19.78
CA LYS A 54 -3.10 8.67 -18.71
C LYS A 54 -4.16 7.70 -18.23
N VAL A 55 -4.03 7.25 -16.99
CA VAL A 55 -4.82 6.15 -16.49
C VAL A 55 -5.43 6.56 -15.17
N ALA A 56 -6.75 6.28 -15.03
CA ALA A 56 -7.51 6.49 -13.83
C ALA A 56 -8.53 5.37 -13.77
N CYS A 57 -8.07 4.17 -13.46
CA CYS A 57 -8.89 2.98 -13.60
C CYS A 57 -9.35 2.47 -12.24
N GLU A 58 -10.63 2.63 -11.92
CA GLU A 58 -11.23 2.05 -10.73
C GLU A 58 -11.70 0.64 -11.06
N THR A 59 -11.69 -0.24 -10.06
CA THR A 59 -12.22 -1.58 -10.18
C THR A 59 -13.21 -1.81 -9.08
N VAL A 60 -14.31 -2.48 -9.40
CA VAL A 60 -15.34 -2.86 -8.45
C VAL A 60 -15.52 -4.37 -8.57
N ALA A 61 -15.64 -5.06 -7.42
CA ALA A 61 -15.79 -6.50 -7.45
C ALA A 61 -16.98 -6.91 -6.59
N LYS A 62 -17.84 -7.75 -7.12
CA LYS A 62 -18.91 -8.37 -6.33
C LYS A 62 -19.06 -9.77 -6.90
N THR A 63 -19.94 -10.59 -6.35
CA THR A 63 -20.09 -11.96 -6.84
C THR A 63 -20.11 -12.02 -8.36
N GLY A 64 -19.18 -12.78 -8.95
CA GLY A 64 -19.16 -13.01 -10.38
C GLY A 64 -18.78 -11.83 -11.24
N MET A 65 -18.42 -10.68 -10.69
CA MET A 65 -18.26 -9.46 -11.49
C MET A 65 -16.97 -8.73 -11.15
N ILE A 66 -16.22 -8.38 -12.19
CA ILE A 66 -15.22 -7.31 -12.13
C ILE A 66 -15.69 -6.22 -13.08
N LEU A 67 -15.90 -5.00 -12.58
CA LEU A 67 -16.21 -3.85 -13.40
C LEU A 67 -15.04 -2.88 -13.35
N LEU A 68 -14.59 -2.44 -14.52
CA LEU A 68 -13.65 -1.33 -14.64
C LEU A 68 -14.40 -0.05 -14.96
N ALA A 69 -14.12 1.02 -14.23
CA ALA A 69 -14.78 2.31 -14.46
C ALA A 69 -13.74 3.40 -14.32
N GLY A 70 -13.80 4.39 -15.19
CA GLY A 70 -12.81 5.44 -15.09
C GLY A 70 -12.43 5.99 -16.44
N GLU A 71 -11.22 6.53 -16.48
CA GLU A 71 -10.75 7.36 -17.59
C GLU A 71 -9.34 6.94 -17.99
N ILE A 72 -9.20 6.58 -19.27
CA ILE A 72 -7.91 6.19 -19.81
C ILE A 72 -7.77 6.84 -21.18
N THR A 73 -6.68 7.57 -21.39
CA THR A 73 -6.26 8.04 -22.71
C THR A 73 -4.86 7.51 -22.95
N SER A 74 -4.73 6.65 -23.95
CA SER A 74 -3.52 5.86 -24.13
C SER A 74 -3.44 5.40 -25.58
N ARG A 75 -2.23 5.31 -26.10
CA ARG A 75 -2.03 4.71 -27.42
C ARG A 75 -1.98 3.18 -27.37
N ALA A 76 -2.02 2.58 -26.18
CA ALA A 76 -1.92 1.14 -26.08
C ALA A 76 -3.21 0.51 -26.54
N ALA A 77 -3.11 -0.74 -26.99
CA ALA A 77 -4.26 -1.60 -27.30
C ALA A 77 -4.27 -2.70 -26.26
N VAL A 78 -5.17 -2.59 -25.30
CA VAL A 78 -5.17 -3.46 -24.12
C VAL A 78 -6.38 -4.38 -24.18
N ASP A 79 -6.13 -5.67 -23.99
CA ASP A 79 -7.19 -6.67 -23.86
C ASP A 79 -7.61 -6.74 -22.40
N TYR A 80 -8.65 -5.97 -22.02
CA TYR A 80 -9.08 -5.90 -20.63
C TYR A 80 -9.54 -7.26 -20.11
N GLN A 81 -10.23 -8.06 -20.95
CA GLN A 81 -10.65 -9.38 -20.52
C GLN A 81 -9.45 -10.20 -20.08
N LYS A 82 -8.40 -10.23 -20.89
CA LYS A 82 -7.24 -11.03 -20.55
C LYS A 82 -6.51 -10.47 -19.35
N VAL A 83 -6.33 -9.16 -19.28
CA VAL A 83 -5.56 -8.57 -18.19
C VAL A 83 -6.27 -8.81 -16.86
N VAL A 84 -7.58 -8.59 -16.83
CA VAL A 84 -8.31 -8.78 -15.58
C VAL A 84 -8.25 -10.23 -15.16
N ARG A 85 -8.52 -11.14 -16.10
CA ARG A 85 -8.67 -12.55 -15.74
C ARG A 85 -7.34 -13.12 -15.30
N GLU A 86 -6.25 -12.68 -15.94
N GLU A 86 -6.25 -12.67 -15.92
CA GLU A 86 -4.95 -13.12 -15.50
CA GLU A 86 -4.92 -13.10 -15.51
C GLU A 86 -4.63 -12.65 -14.08
C GLU A 86 -4.59 -12.62 -14.09
N ALA A 87 -5.02 -11.41 -13.72
CA ALA A 87 -4.78 -10.91 -12.36
C ALA A 87 -5.52 -11.75 -11.33
N VAL A 88 -6.78 -12.10 -11.64
CA VAL A 88 -7.61 -12.93 -10.76
C VAL A 88 -7.03 -14.33 -10.63
N LYS A 89 -6.55 -14.90 -11.74
CA LYS A 89 -5.84 -16.18 -11.70
C LYS A 89 -4.64 -16.14 -10.76
N HIS A 90 -3.80 -15.11 -10.89
CA HIS A 90 -2.63 -15.02 -10.03
C HIS A 90 -2.99 -15.03 -8.55
N ILE A 91 -4.06 -14.31 -8.19
CA ILE A 91 -4.56 -14.20 -6.82
C ILE A 91 -4.98 -15.57 -6.29
N GLY A 92 -5.55 -16.40 -7.17
CA GLY A 92 -5.91 -17.75 -6.82
C GLY A 92 -7.38 -18.07 -6.90
N TYR A 93 -8.20 -17.16 -7.41
CA TYR A 93 -9.64 -17.44 -7.56
C TYR A 93 -9.88 -18.10 -8.90
N ASP A 94 -9.88 -19.44 -8.91
CA ASP A 94 -9.89 -20.24 -10.12
C ASP A 94 -10.95 -21.33 -10.10
N ASP A 95 -12.00 -21.22 -9.27
CA ASP A 95 -13.00 -22.28 -9.28
C ASP A 95 -14.21 -21.82 -8.52
N SER A 96 -15.37 -22.23 -9.00
CA SER A 96 -16.60 -21.81 -8.34
C SER A 96 -16.66 -22.29 -6.88
N SER A 97 -15.96 -23.37 -6.53
CA SER A 97 -15.95 -23.79 -5.15
C SER A 97 -15.29 -22.79 -4.21
N LYS A 98 -14.40 -21.90 -4.71
CA LYS A 98 -13.73 -20.87 -3.93
C LYS A 98 -14.54 -19.59 -3.89
N GLY A 99 -15.65 -19.54 -4.63
CA GLY A 99 -16.49 -18.36 -4.62
C GLY A 99 -16.28 -17.40 -5.78
N PHE A 100 -15.25 -17.63 -6.59
CA PHE A 100 -14.89 -16.72 -7.69
C PHE A 100 -13.94 -17.45 -8.62
N ASP A 101 -14.13 -17.25 -9.94
CA ASP A 101 -13.32 -17.95 -10.92
C ASP A 101 -12.98 -17.03 -12.08
N TYR A 102 -11.67 -16.78 -12.26
CA TYR A 102 -11.24 -15.94 -13.38
C TYR A 102 -11.71 -16.46 -14.72
N LYS A 103 -11.90 -17.76 -14.87
CA LYS A 103 -12.29 -18.30 -16.18
C LYS A 103 -13.72 -17.94 -16.56
N THR A 104 -14.58 -17.75 -15.59
CA THR A 104 -16.03 -17.72 -15.85
C THR A 104 -16.72 -16.49 -15.24
N CYS A 105 -16.01 -15.59 -14.59
CA CYS A 105 -16.61 -14.35 -14.10
C CYS A 105 -16.95 -13.42 -15.26
N ASN A 106 -17.79 -12.45 -14.95
CA ASN A 106 -18.15 -11.34 -15.83
C ASN A 106 -17.11 -10.24 -15.70
N VAL A 107 -16.58 -9.76 -16.81
CA VAL A 107 -15.75 -8.57 -16.82
C VAL A 107 -16.45 -7.52 -17.65
N LEU A 108 -16.82 -6.44 -16.99
CA LEU A 108 -17.57 -5.33 -17.57
C LEU A 108 -16.68 -4.11 -17.61
N VAL A 109 -16.79 -3.31 -18.65
CA VAL A 109 -15.90 -2.19 -18.85
C VAL A 109 -16.70 -0.91 -19.10
N ALA A 110 -16.46 0.11 -18.27
CA ALA A 110 -17.06 1.45 -18.39
C ALA A 110 -15.95 2.50 -18.37
N LEU A 111 -15.13 2.48 -19.41
CA LEU A 111 -13.94 3.32 -19.49
C LEU A 111 -14.09 4.30 -20.62
N GLU A 112 -13.80 5.57 -20.35
N GLU A 112 -13.83 5.58 -20.36
CA GLU A 112 -13.83 6.66 -21.31
CA GLU A 112 -13.82 6.62 -21.39
C GLU A 112 -12.44 7.28 -21.41
C GLU A 112 -12.50 7.37 -21.35
N GLN A 113 -12.27 8.20 -22.37
CA GLN A 113 -11.09 9.03 -22.40
C GLN A 113 -11.02 9.91 -21.17
N GLN A 114 -9.80 10.33 -20.83
CA GLN A 114 -9.64 11.39 -19.83
C GLN A 114 -10.39 12.65 -20.27
N SER A 115 -11.03 13.31 -19.31
CA SER A 115 -11.69 14.58 -19.59
C SER A 115 -10.75 15.52 -20.32
N PRO A 116 -11.15 16.09 -21.47
CA PRO A 116 -10.28 17.06 -22.14
C PRO A 116 -10.06 18.29 -21.31
N ASP A 117 -11.00 18.61 -20.39
CA ASP A 117 -10.79 19.79 -19.53
C ASP A 117 -9.67 19.54 -18.53
N ILE A 118 -9.58 18.33 -17.98
CA ILE A 118 -8.44 18.00 -17.14
C ILE A 118 -7.19 17.99 -17.99
N ALA A 119 -7.21 17.30 -19.14
CA ALA A 119 -6.02 17.18 -19.96
C ALA A 119 -5.44 18.54 -20.28
N GLN A 120 -6.27 19.49 -20.71
CA GLN A 120 -5.75 20.78 -21.09
C GLN A 120 -5.18 21.53 -19.90
N GLY A 121 -5.72 21.33 -18.71
CA GLY A 121 -5.24 22.06 -17.54
C GLY A 121 -4.03 21.46 -16.87
N VAL A 122 -3.72 20.21 -17.18
CA VAL A 122 -2.67 19.44 -16.51
C VAL A 122 -1.45 19.25 -17.38
N HIS A 123 -1.65 18.72 -18.59
CA HIS A 123 -0.46 18.25 -19.33
C HIS A 123 -0.41 18.62 -20.80
N LEU A 124 -1.50 19.08 -21.39
N LEU A 124 -1.50 19.02 -21.44
CA LEU A 124 -1.47 19.40 -22.81
CA LEU A 124 -1.40 19.26 -22.87
C LEU A 124 -0.48 20.52 -23.07
C LEU A 124 -0.57 20.49 -23.16
N ASP A 125 0.39 20.34 -24.07
CA ASP A 125 1.32 21.38 -24.47
C ASP A 125 2.15 21.88 -23.32
N ARG A 126 2.50 21.00 -22.40
CA ARG A 126 3.38 21.33 -21.30
C ARG A 126 4.67 20.55 -21.39
N ASN A 127 5.77 21.21 -21.10
CA ASN A 127 7.05 20.53 -20.94
C ASN A 127 6.89 19.51 -19.81
N GLU A 128 7.48 18.32 -19.98
CA GLU A 128 7.20 17.24 -19.02
C GLU A 128 7.55 17.67 -17.61
N GLU A 129 8.73 18.27 -17.41
CA GLU A 129 9.12 18.67 -16.06
C GLU A 129 8.13 19.66 -15.44
N ASP A 130 7.38 20.37 -16.29
CA ASP A 130 6.48 21.43 -15.86
C ASP A 130 5.00 21.04 -15.95
N ILE A 131 4.70 19.76 -16.13
N ILE A 131 4.73 19.74 -16.09
CA ILE A 131 3.30 19.40 -16.12
CA ILE A 131 3.36 19.25 -16.03
C ILE A 131 2.72 19.74 -14.75
C ILE A 131 2.71 19.66 -14.71
N GLY A 132 1.46 20.09 -14.75
CA GLY A 132 0.76 20.40 -13.52
C GLY A 132 0.40 19.15 -12.75
N ALA A 133 0.24 19.29 -11.42
CA ALA A 133 -0.39 18.23 -10.66
C ALA A 133 -1.70 17.82 -11.31
N GLY A 134 -1.95 16.51 -11.34
CA GLY A 134 -3.17 16.00 -11.92
C GLY A 134 -4.44 16.26 -11.13
N ASP A 135 -4.29 16.74 -9.90
CA ASP A 135 -5.40 17.06 -9.03
C ASP A 135 -4.82 17.96 -7.95
N GLN A 136 -5.70 18.61 -7.17
CA GLN A 136 -5.26 19.11 -5.87
C GLN A 136 -5.11 17.92 -4.92
N GLY A 137 -4.59 18.18 -3.73
CA GLY A 137 -4.62 17.21 -2.65
C GLY A 137 -3.46 17.38 -1.71
N LEU A 138 -3.48 16.57 -0.66
CA LEU A 138 -2.44 16.58 0.36
C LEU A 138 -1.96 15.15 0.52
N MET A 139 -0.70 15.01 0.84
CA MET A 139 -0.04 13.71 0.93
C MET A 139 0.99 13.75 2.03
N PHE A 140 1.18 12.63 2.69
CA PHE A 140 2.17 12.54 3.76
C PHE A 140 3.16 11.42 3.47
N GLY A 141 4.36 11.62 3.96
CA GLY A 141 5.38 10.58 3.98
C GLY A 141 5.83 10.36 5.42
N TYR A 142 6.13 9.11 5.78
CA TYR A 142 6.52 8.77 7.14
C TYR A 142 7.63 7.72 7.09
N ALA A 143 8.51 7.78 8.10
CA ALA A 143 9.50 6.73 8.25
C ALA A 143 9.85 6.62 9.73
N THR A 144 10.22 5.42 10.17
CA THR A 144 10.51 5.15 11.57
C THR A 144 11.61 4.14 11.64
N ASP A 145 12.65 4.42 12.39
CA ASP A 145 13.80 3.53 12.43
C ASP A 145 13.54 2.29 13.31
N GLU A 146 12.32 2.02 13.72
CA GLU A 146 12.06 0.86 14.57
C GLU A 146 12.24 -0.46 13.82
N THR A 147 12.20 -0.46 12.50
CA THR A 147 12.58 -1.62 11.70
C THR A 147 13.58 -1.16 10.66
N GLU A 148 14.37 -2.11 10.13
CA GLU A 148 15.40 -1.71 9.17
C GLU A 148 14.81 -1.05 7.93
N GLU A 149 13.68 -1.55 7.47
CA GLU A 149 12.97 -0.98 6.31
C GLU A 149 12.15 0.25 6.65
N CYS A 150 12.27 0.73 7.88
CA CYS A 150 11.77 2.04 8.26
C CYS A 150 10.26 2.14 8.27
N MET A 151 9.60 1.05 8.61
CA MET A 151 8.15 0.92 8.72
C MET A 151 7.70 0.54 10.12
N PRO A 152 6.47 0.87 10.50
CA PRO A 152 5.96 0.43 11.81
C PRO A 152 5.92 -1.09 11.90
N LEU A 153 6.38 -1.63 13.01
CA LEU A 153 6.36 -3.09 13.18
C LEU A 153 4.94 -3.63 13.14
N THR A 154 3.97 -2.89 13.68
CA THR A 154 2.60 -3.36 13.68
C THR A 154 2.17 -3.75 12.27
N ILE A 155 2.43 -2.88 11.30
CA ILE A 155 1.96 -3.21 9.96
C ILE A 155 2.85 -4.18 9.25
N VAL A 156 4.16 -4.14 9.50
CA VAL A 156 5.04 -5.13 8.91
C VAL A 156 4.58 -6.54 9.31
N LEU A 157 4.35 -6.75 10.60
CA LEU A 157 3.93 -8.07 11.03
C LEU A 157 2.59 -8.43 10.43
N ALA A 158 1.67 -7.48 10.38
CA ALA A 158 0.37 -7.72 9.80
C ALA A 158 0.49 -8.17 8.34
N HIS A 159 1.30 -7.47 7.55
CA HIS A 159 1.49 -7.86 6.15
C HIS A 159 2.08 -9.26 6.08
N LYS A 160 3.12 -9.53 6.88
CA LYS A 160 3.81 -10.81 6.80
C LYS A 160 2.91 -11.96 7.17
N LEU A 161 1.94 -11.72 8.06
CA LEU A 161 0.98 -12.78 8.38
C LEU A 161 0.12 -13.15 7.19
N ASN A 162 -0.33 -12.13 6.44
CA ASN A 162 -1.06 -12.40 5.20
C ASN A 162 -0.20 -13.08 4.18
N ALA A 163 1.07 -12.67 4.04
CA ALA A 163 1.94 -13.30 3.04
C ALA A 163 2.17 -14.76 3.40
N LYS A 164 2.32 -15.06 4.68
CA LYS A 164 2.53 -16.43 5.11
C LYS A 164 1.33 -17.30 4.77
N LEU A 165 0.12 -16.78 4.99
CA LEU A 165 -1.07 -17.50 4.55
C LEU A 165 -1.01 -17.84 3.08
N ALA A 166 -0.70 -16.85 2.24
CA ALA A 166 -0.68 -17.12 0.82
C ALA A 166 0.40 -18.14 0.50
N GLU A 167 1.54 -18.07 1.17
CA GLU A 167 2.62 -19.00 0.90
C GLU A 167 2.17 -20.42 1.21
N LEU A 168 1.52 -20.61 2.36
CA LEU A 168 1.12 -21.97 2.75
C LEU A 168 -0.08 -22.48 1.97
N ARG A 169 -0.92 -21.55 1.44
CA ARG A 169 -1.94 -21.91 0.45
C ARG A 169 -1.28 -22.41 -0.85
N ARG A 170 -0.34 -21.63 -1.37
CA ARG A 170 0.22 -21.93 -2.67
C ARG A 170 1.14 -23.15 -2.65
N ASN A 171 1.85 -23.42 -1.57
CA ASN A 171 2.70 -24.59 -1.48
C ASN A 171 1.96 -25.84 -1.06
N GLY A 172 0.66 -25.74 -0.82
CA GLY A 172 -0.14 -26.91 -0.53
C GLY A 172 -0.04 -27.44 0.88
N THR A 173 0.61 -26.76 1.81
N THR A 173 0.66 -26.71 1.78
CA THR A 173 0.64 -27.37 3.12
CA THR A 173 0.77 -27.07 3.20
C THR A 173 -0.62 -27.07 3.93
C THR A 173 -0.60 -27.06 3.87
N LEU A 174 -1.37 -26.02 3.63
CA LEU A 174 -2.69 -25.80 4.22
C LEU A 174 -3.66 -25.63 3.06
N PRO A 175 -4.02 -26.72 2.39
CA PRO A 175 -4.79 -26.58 1.15
C PRO A 175 -6.22 -26.15 1.36
N TRP A 176 -6.71 -26.13 2.59
CA TRP A 176 -8.01 -25.58 2.91
C TRP A 176 -8.04 -24.06 2.89
N LEU A 177 -6.92 -23.39 2.78
CA LEU A 177 -6.93 -21.93 2.76
C LEU A 177 -7.45 -21.43 1.42
N ARG A 178 -8.07 -20.26 1.48
CA ARG A 178 -8.51 -19.56 0.30
C ARG A 178 -7.84 -18.19 0.27
N PRO A 179 -8.00 -17.39 -0.80
CA PRO A 179 -7.15 -16.18 -0.94
C PRO A 179 -7.52 -14.99 -0.08
N ASP A 180 -8.77 -14.91 0.42
CA ASP A 180 -9.25 -13.76 1.19
C ASP A 180 -8.82 -13.91 2.64
N SER A 181 -8.08 -12.92 3.16
CA SER A 181 -7.64 -12.94 4.56
C SER A 181 -7.48 -11.51 5.08
N LYS A 182 -7.52 -11.40 6.39
CA LYS A 182 -7.26 -10.17 7.13
C LYS A 182 -6.48 -10.51 8.39
N THR A 183 -5.60 -9.61 8.79
CA THR A 183 -4.85 -9.79 10.03
C THR A 183 -4.77 -8.45 10.74
N GLN A 184 -4.50 -8.50 12.05
CA GLN A 184 -4.41 -7.25 12.80
C GLN A 184 -3.49 -7.48 13.99
N VAL A 185 -2.54 -6.58 14.21
CA VAL A 185 -1.51 -6.75 15.23
C VAL A 185 -1.45 -5.51 16.11
N THR A 186 -1.52 -5.74 17.43
CA THR A 186 -1.35 -4.70 18.44
C THR A 186 -0.01 -4.95 19.13
N VAL A 187 0.88 -3.93 19.11
CA VAL A 187 2.21 -3.98 19.74
C VAL A 187 2.24 -2.97 20.86
N GLN A 188 2.89 -3.37 21.96
CA GLN A 188 3.23 -2.43 23.01
C GLN A 188 4.60 -1.87 22.72
N TYR A 189 4.73 -0.52 22.79
CA TYR A 189 5.97 0.19 22.53
C TYR A 189 6.47 0.96 23.74
N MET A 190 7.80 1.18 23.77
N MET A 190 7.81 1.09 23.82
CA MET A 190 8.46 2.05 24.73
CA MET A 190 8.49 2.04 24.68
C MET A 190 8.88 3.34 24.03
C MET A 190 8.68 3.35 23.92
N GLN A 191 8.55 4.47 24.62
CA GLN A 191 9.08 5.77 24.17
C GLN A 191 10.61 5.78 24.24
N ASP A 192 11.26 6.38 23.21
CA ASP A 192 12.72 6.45 23.19
C ASP A 192 13.12 7.73 22.47
N ARG A 193 13.12 8.84 23.21
CA ARG A 193 13.60 10.13 22.70
C ARG A 193 12.94 10.52 21.37
N GLY A 194 11.63 10.31 21.31
CA GLY A 194 10.83 10.59 20.14
C GLY A 194 10.68 9.45 19.17
N ALA A 195 11.65 8.53 19.19
CA ALA A 195 11.51 7.25 18.52
C ALA A 195 10.66 6.32 19.34
N VAL A 196 10.35 5.16 18.77
CA VAL A 196 9.60 4.12 19.49
C VAL A 196 10.31 2.78 19.39
N LEU A 197 10.18 1.96 20.44
CA LEU A 197 10.87 0.66 20.56
C LEU A 197 9.83 -0.40 20.85
N PRO A 198 9.67 -1.37 19.97
CA PRO A 198 8.67 -2.44 20.22
C PRO A 198 9.07 -3.27 21.42
N ILE A 199 8.08 -3.56 22.31
CA ILE A 199 8.29 -4.40 23.50
C ILE A 199 7.71 -5.79 23.30
N ARG A 200 6.44 -5.87 22.97
CA ARG A 200 5.74 -7.14 22.93
C ARG A 200 4.51 -7.00 22.07
N VAL A 201 4.07 -8.15 21.58
CA VAL A 201 2.82 -8.27 20.84
C VAL A 201 1.69 -8.57 21.82
N HIS A 202 0.72 -7.67 21.86
CA HIS A 202 -0.40 -7.68 22.80
C HIS A 202 -1.58 -8.52 22.31
N THR A 203 -1.95 -8.34 21.05
CA THR A 203 -3.08 -9.05 20.44
C THR A 203 -2.79 -9.29 18.96
N ILE A 204 -3.19 -10.48 18.46
CA ILE A 204 -3.16 -10.82 17.04
C ILE A 204 -4.55 -11.29 16.65
N VAL A 205 -5.06 -10.77 15.54
CA VAL A 205 -6.29 -11.28 14.91
C VAL A 205 -5.92 -11.85 13.55
N ILE A 206 -6.45 -13.04 13.20
CA ILE A 206 -6.36 -13.56 11.86
C ILE A 206 -7.70 -14.15 11.48
N SER A 207 -8.24 -13.70 10.34
CA SER A 207 -9.42 -14.31 9.71
C SER A 207 -9.03 -14.67 8.29
N VAL A 208 -9.32 -15.91 7.88
CA VAL A 208 -9.00 -16.32 6.51
C VAL A 208 -10.09 -17.25 6.00
N GLN A 209 -10.48 -17.03 4.75
CA GLN A 209 -11.44 -17.85 4.06
C GLN A 209 -10.91 -19.28 3.93
N HIS A 210 -11.82 -20.23 4.02
CA HIS A 210 -11.43 -21.64 4.11
C HIS A 210 -12.47 -22.54 3.45
N ASP A 211 -12.08 -23.81 3.24
CA ASP A 211 -12.96 -24.73 2.56
C ASP A 211 -14.01 -25.24 3.55
N GLU A 212 -14.99 -25.95 3.00
CA GLU A 212 -16.12 -26.44 3.77
C GLU A 212 -15.75 -27.59 4.70
N GLU A 213 -14.63 -28.27 4.47
CA GLU A 213 -14.35 -29.50 5.21
C GLU A 213 -13.54 -29.27 6.48
N VAL A 214 -12.64 -28.30 6.52
CA VAL A 214 -11.71 -28.19 7.63
C VAL A 214 -12.43 -27.65 8.87
N CYS A 215 -12.13 -28.20 10.04
CA CYS A 215 -12.78 -27.75 11.25
C CYS A 215 -12.02 -26.59 11.92
N LEU A 216 -12.76 -25.89 12.77
CA LEU A 216 -12.27 -24.71 13.48
C LEU A 216 -11.01 -25.02 14.28
N ASP A 217 -11.00 -26.12 15.02
CA ASP A 217 -9.83 -26.40 15.85
C ASP A 217 -8.58 -26.64 15.01
N GLU A 218 -8.71 -27.35 13.89
CA GLU A 218 -7.58 -27.55 13.00
C GLU A 218 -7.10 -26.22 12.47
N MET A 219 -8.02 -25.32 12.09
CA MET A 219 -7.57 -24.01 11.61
C MET A 219 -6.87 -23.20 12.68
N ARG A 220 -7.45 -23.11 13.88
N ARG A 220 -7.44 -23.12 13.88
CA ARG A 220 -6.88 -22.30 14.94
CA ARG A 220 -6.84 -22.29 14.92
C ARG A 220 -5.50 -22.81 15.32
C ARG A 220 -5.49 -22.81 15.32
N ASP A 221 -5.33 -24.13 15.40
CA ASP A 221 -4.02 -24.72 15.68
C ASP A 221 -3.00 -24.37 14.57
N ALA A 222 -3.40 -24.49 13.32
CA ALA A 222 -2.48 -24.16 12.24
C ALA A 222 -2.15 -22.68 12.22
N LEU A 223 -3.13 -21.83 12.47
CA LEU A 223 -2.84 -20.40 12.44
C LEU A 223 -1.84 -20.03 13.53
N LYS A 224 -1.91 -20.66 14.69
CA LYS A 224 -0.94 -20.36 15.72
C LYS A 224 0.42 -20.96 15.41
N GLU A 225 0.45 -22.25 15.08
CA GLU A 225 1.73 -22.95 15.00
C GLU A 225 2.44 -22.74 13.68
N LYS A 226 1.71 -22.62 12.59
CA LYS A 226 2.32 -22.54 11.26
C LYS A 226 2.32 -21.16 10.66
N VAL A 227 1.50 -20.27 11.19
CA VAL A 227 1.44 -18.92 10.66
C VAL A 227 2.09 -17.98 11.65
N ILE A 228 1.48 -17.81 12.82
CA ILE A 228 2.01 -16.83 13.78
C ILE A 228 3.45 -17.18 14.17
N LYS A 229 3.72 -18.42 14.57
CA LYS A 229 5.06 -18.72 15.05
C LYS A 229 6.08 -18.65 13.91
N ALA A 230 5.64 -18.82 12.66
CA ALA A 230 6.56 -18.71 11.54
C ALA A 230 6.82 -17.27 11.11
N VAL A 231 6.20 -16.28 11.74
CA VAL A 231 6.27 -14.88 11.36
C VAL A 231 6.74 -14.00 12.52
N VAL A 232 6.15 -14.17 13.70
CA VAL A 232 6.35 -13.23 14.80
C VAL A 232 7.42 -13.80 15.71
N PRO A 233 8.53 -13.12 15.90
CA PRO A 233 9.58 -13.60 16.82
C PRO A 233 9.01 -13.94 18.20
N ALA A 234 9.45 -15.08 18.71
CA ALA A 234 8.96 -15.60 19.99
C ALA A 234 9.19 -14.59 21.11
N LYS A 235 10.25 -13.79 21.02
CA LYS A 235 10.55 -12.79 22.05
C LYS A 235 9.41 -11.80 22.26
N TYR A 236 8.52 -11.61 21.26
CA TYR A 236 7.41 -10.67 21.42
C TYR A 236 6.15 -11.32 21.98
N LEU A 237 6.09 -12.65 22.03
CA LEU A 237 4.90 -13.39 22.41
C LEU A 237 5.06 -13.95 23.79
N ASP A 238 4.02 -13.85 24.62
CA ASP A 238 4.15 -14.34 25.99
C ASP A 238 2.81 -14.92 26.43
N GLU A 239 2.75 -15.35 27.70
CA GLU A 239 1.53 -16.00 28.19
CA GLU A 239 1.53 -16.00 28.19
C GLU A 239 0.32 -15.09 28.13
N ASP A 240 0.53 -13.78 28.08
CA ASP A 240 -0.57 -12.82 28.09
C ASP A 240 -1.01 -12.36 26.70
N THR A 241 -0.26 -12.69 25.64
CA THR A 241 -0.69 -12.36 24.30
C THR A 241 -2.08 -12.94 24.04
N ILE A 242 -2.93 -12.12 23.43
CA ILE A 242 -4.31 -12.51 23.12
C ILE A 242 -4.36 -12.88 21.66
N TYR A 243 -5.00 -14.01 21.36
CA TYR A 243 -5.12 -14.49 19.99
C TYR A 243 -6.59 -14.60 19.63
N HIS A 244 -7.00 -13.94 18.54
CA HIS A 244 -8.34 -14.07 17.97
C HIS A 244 -8.16 -14.67 16.61
N LEU A 245 -8.29 -16.00 16.53
CA LEU A 245 -7.99 -16.77 15.32
C LEU A 245 -9.32 -17.32 14.82
N GLN A 246 -9.67 -17.02 13.57
CA GLN A 246 -11.00 -17.33 13.05
C GLN A 246 -12.08 -16.91 14.05
N PRO A 247 -12.05 -15.65 14.52
CA PRO A 247 -13.00 -15.26 15.59
C PRO A 247 -14.46 -15.28 15.13
N SER A 248 -14.73 -15.18 13.83
CA SER A 248 -16.13 -15.28 13.38
C SER A 248 -16.67 -16.70 13.45
N GLY A 249 -15.81 -17.69 13.55
CA GLY A 249 -16.19 -19.08 13.64
C GLY A 249 -16.36 -19.78 12.29
N ARG A 250 -16.66 -19.05 11.23
CA ARG A 250 -16.88 -19.66 9.92
C ARG A 250 -16.69 -18.60 8.85
N PHE A 251 -15.90 -18.93 7.83
CA PHE A 251 -15.51 -18.01 6.76
C PHE A 251 -15.33 -18.86 5.49
N VAL A 252 -16.40 -19.50 5.02
CA VAL A 252 -16.37 -20.29 3.80
C VAL A 252 -16.71 -19.40 2.62
N ILE A 253 -17.74 -18.58 2.74
CA ILE A 253 -18.02 -17.54 1.75
C ILE A 253 -17.00 -16.43 1.94
N GLY A 254 -16.34 -16.04 0.87
CA GLY A 254 -15.34 -14.99 0.96
C GLY A 254 -15.12 -14.39 -0.41
N GLY A 255 -14.04 -13.63 -0.51
CA GLY A 255 -13.80 -12.85 -1.72
C GLY A 255 -14.99 -11.94 -2.00
N PRO A 256 -15.11 -11.50 -3.27
CA PRO A 256 -16.21 -10.56 -3.62
C PRO A 256 -17.58 -11.12 -3.31
N GLN A 257 -17.76 -12.44 -3.29
CA GLN A 257 -19.06 -12.98 -2.93
C GLN A 257 -19.44 -12.63 -1.49
N GLY A 258 -18.48 -12.60 -0.59
CA GLY A 258 -18.76 -12.23 0.79
C GLY A 258 -18.88 -10.76 1.05
N ASP A 259 -18.24 -9.91 0.23
CA ASP A 259 -18.11 -8.50 0.56
C ASP A 259 -17.65 -7.80 -0.69
N ALA A 260 -18.34 -6.75 -1.10
CA ALA A 260 -17.93 -6.03 -2.29
C ALA A 260 -16.53 -5.47 -2.09
N GLY A 261 -15.80 -5.34 -3.16
CA GLY A 261 -14.52 -4.69 -3.13
C GLY A 261 -14.52 -3.48 -4.06
N LEU A 262 -13.70 -2.47 -3.72
CA LEU A 262 -13.48 -1.32 -4.58
C LEU A 262 -12.00 -0.94 -4.51
N THR A 263 -11.50 -0.35 -5.59
CA THR A 263 -10.16 0.24 -5.55
C THR A 263 -10.09 1.37 -4.51
N GLY A 264 -8.94 1.45 -3.81
CA GLY A 264 -8.70 2.57 -2.93
C GLY A 264 -9.49 2.58 -1.67
N ARG A 265 -9.83 1.40 -1.18
CA ARG A 265 -10.52 1.22 0.09
C ARG A 265 -9.62 0.57 1.15
N LYS A 266 -8.32 0.49 0.89
CA LYS A 266 -7.34 -0.06 1.79
C LYS A 266 -6.18 0.90 1.88
N ILE A 267 -6.44 2.22 1.99
CA ILE A 267 -5.36 3.20 1.83
C ILE A 267 -4.45 3.24 3.02
N ILE A 268 -4.93 2.81 4.20
CA ILE A 268 -4.10 2.77 5.41
C ILE A 268 -3.27 1.48 5.43
N VAL A 269 -3.82 0.36 4.96
CA VAL A 269 -3.04 -0.86 4.71
C VAL A 269 -1.94 -0.59 3.67
N ASP A 270 -2.23 0.27 2.70
CA ASP A 270 -1.26 0.53 1.64
C ASP A 270 -0.08 1.36 2.16
N THR A 271 -0.23 2.03 3.31
CA THR A 271 0.71 3.04 3.74
C THR A 271 1.23 2.65 5.11
N TYR A 272 0.80 3.34 6.18
CA TYR A 272 1.51 3.29 7.46
C TYR A 272 0.70 2.66 8.59
N GLY A 273 -0.42 1.97 8.29
CA GLY A 273 -1.11 1.23 9.34
C GLY A 273 -1.64 2.08 10.48
N GLY A 274 -1.93 3.35 10.17
CA GLY A 274 -2.46 4.27 11.15
C GLY A 274 -1.46 5.21 11.74
N TRP A 275 -0.16 4.86 11.63
CA TRP A 275 0.91 5.75 12.06
C TRP A 275 1.01 6.92 11.09
N GLY A 276 1.74 7.96 11.49
CA GLY A 276 1.94 9.06 10.57
C GLY A 276 0.67 9.83 10.32
N ALA A 277 0.28 9.96 9.05
CA ALA A 277 -0.97 10.59 8.66
C ALA A 277 -1.29 10.19 7.22
N HIS A 278 -2.50 10.49 6.78
CA HIS A 278 -2.88 10.18 5.41
C HIS A 278 -3.67 11.35 4.87
N GLY A 279 -3.43 11.67 3.61
CA GLY A 279 -4.20 12.74 2.97
C GLY A 279 -5.46 12.32 2.25
N GLY A 280 -5.71 11.03 2.11
CA GLY A 280 -6.96 10.56 1.57
C GLY A 280 -6.91 9.91 0.20
N GLY A 281 -5.86 10.15 -0.58
CA GLY A 281 -5.83 9.69 -1.98
C GLY A 281 -5.43 8.23 -2.08
N ALA A 282 -6.07 7.54 -2.99
CA ALA A 282 -5.71 6.14 -3.29
C ALA A 282 -4.62 6.10 -4.35
N PHE A 283 -3.88 5.00 -4.36
CA PHE A 283 -2.75 4.84 -5.28
C PHE A 283 -3.13 4.09 -6.55
N SER A 284 -3.84 2.96 -6.43
CA SER A 284 -3.89 2.03 -7.54
C SER A 284 -4.72 2.55 -8.70
N GLY A 285 -4.29 2.19 -9.92
CA GLY A 285 -5.03 2.55 -11.12
C GLY A 285 -4.64 3.89 -11.70
N LYS A 286 -3.60 4.53 -11.18
CA LYS A 286 -3.27 5.91 -11.51
C LYS A 286 -1.85 6.06 -12.02
N ASP A 287 -1.69 6.79 -13.13
CA ASP A 287 -0.37 7.13 -13.63
C ASP A 287 0.27 8.26 -12.85
N TYR A 288 1.56 8.51 -13.14
CA TYR A 288 2.37 9.39 -12.30
C TYR A 288 1.85 10.81 -12.25
N THR A 289 1.07 11.26 -13.21
CA THR A 289 0.57 12.63 -13.11
C THR A 289 -0.45 12.82 -12.02
N LYS A 290 -0.98 11.73 -11.45
CA LYS A 290 -1.89 11.79 -10.31
C LYS A 290 -1.00 11.80 -9.07
N VAL A 291 -0.85 12.97 -8.48
CA VAL A 291 0.00 13.19 -7.32
C VAL A 291 -0.46 12.42 -6.10
N ASP A 292 -1.70 11.96 -6.05
CA ASP A 292 -2.12 11.07 -4.96
C ASP A 292 -1.12 9.93 -4.82
N ARG A 293 -0.61 9.43 -5.97
CA ARG A 293 0.38 8.36 -5.91
C ARG A 293 1.79 8.92 -5.97
N SER A 294 2.15 9.67 -7.01
CA SER A 294 3.56 10.05 -7.16
C SER A 294 4.09 10.91 -6.02
N ALA A 295 3.27 11.83 -5.51
CA ALA A 295 3.78 12.66 -4.42
C ALA A 295 3.81 11.94 -3.09
N ALA A 296 2.89 10.97 -2.88
CA ALA A 296 2.99 10.12 -1.69
C ALA A 296 4.23 9.25 -1.76
N TYR A 297 4.56 8.73 -2.93
CA TYR A 297 5.79 7.94 -3.08
C TYR A 297 7.00 8.82 -2.83
N ALA A 298 6.96 10.05 -3.39
CA ALA A 298 8.11 10.93 -3.17
C ALA A 298 8.22 11.34 -1.71
N ALA A 299 7.10 11.57 -1.05
CA ALA A 299 7.17 11.94 0.36
C ALA A 299 7.70 10.80 1.24
N ARG A 300 7.36 9.54 0.90
CA ARG A 300 7.96 8.39 1.56
C ARG A 300 9.46 8.39 1.34
N TRP A 301 9.87 8.67 0.09
CA TRP A 301 11.28 8.71 -0.27
C TRP A 301 12.04 9.78 0.52
N VAL A 302 11.46 10.97 0.66
CA VAL A 302 12.03 12.02 1.49
C VAL A 302 12.17 11.55 2.93
N ALA A 303 11.10 11.00 3.49
CA ALA A 303 11.12 10.59 4.90
C ALA A 303 12.15 9.52 5.13
N LYS A 304 12.18 8.52 4.26
CA LYS A 304 13.13 7.43 4.43
C LYS A 304 14.57 7.92 4.25
N SER A 305 14.77 8.89 3.35
CA SER A 305 16.09 9.49 3.16
C SER A 305 16.54 10.24 4.39
N LEU A 306 15.63 10.96 5.04
CA LEU A 306 15.99 11.68 6.25
C LEU A 306 16.40 10.71 7.37
N VAL A 307 15.69 9.58 7.50
CA VAL A 307 16.03 8.63 8.58
C VAL A 307 17.30 7.87 8.24
N LYS A 308 17.41 7.32 7.02
CA LYS A 308 18.62 6.57 6.67
C LYS A 308 19.83 7.48 6.61
N GLY A 309 19.63 8.76 6.33
CA GLY A 309 20.77 9.67 6.33
C GLY A 309 21.16 10.18 7.70
N GLY A 310 20.50 9.68 8.75
CA GLY A 310 20.89 9.95 10.12
C GLY A 310 20.46 11.30 10.61
N LEU A 311 19.57 11.97 9.90
CA LEU A 311 19.10 13.28 10.35
C LEU A 311 17.95 13.15 11.35
N CYS A 312 17.10 12.12 11.18
N CYS A 312 17.32 12.00 11.42
CA CYS A 312 15.92 11.84 12.00
CA CYS A 312 16.25 11.84 12.38
C CYS A 312 15.96 10.37 12.42
C CYS A 312 15.98 10.37 12.48
N ARG A 313 15.25 10.03 13.51
CA ARG A 313 14.88 8.63 13.74
C ARG A 313 13.45 8.35 13.37
N ARG A 314 12.59 9.37 13.35
CA ARG A 314 11.21 9.21 12.97
C ARG A 314 10.80 10.54 12.37
N VAL A 315 10.00 10.54 11.30
CA VAL A 315 9.69 11.80 10.64
C VAL A 315 8.43 11.69 9.84
N LEU A 316 7.71 12.80 9.75
CA LEU A 316 6.49 12.95 9.00
C LEU A 316 6.67 14.17 8.10
N VAL A 317 6.25 14.04 6.84
CA VAL A 317 6.36 15.10 5.82
C VAL A 317 4.96 15.31 5.26
N GLN A 318 4.55 16.57 5.09
CA GLN A 318 3.31 16.86 4.35
C GLN A 318 3.65 17.69 3.12
N VAL A 319 3.05 17.35 2.00
N VAL A 319 3.01 17.34 2.00
CA VAL A 319 3.11 18.16 0.80
CA VAL A 319 3.11 18.06 0.74
C VAL A 319 1.67 18.31 0.31
C VAL A 319 1.69 18.20 0.21
N SER A 320 1.45 19.24 -0.59
CA SER A 320 0.11 19.44 -1.14
C SER A 320 0.24 20.16 -2.47
N TYR A 321 -0.83 20.07 -3.28
CA TYR A 321 -0.82 20.54 -4.67
C TYR A 321 -2.14 21.21 -5.01
N ALA A 322 -2.12 21.99 -6.11
CA ALA A 322 -3.32 22.48 -6.78
C ALA A 322 -3.32 21.89 -8.18
N ILE A 323 -4.47 21.42 -8.67
CA ILE A 323 -4.53 20.91 -10.05
C ILE A 323 -3.98 21.94 -11.03
N GLY A 324 -3.14 21.48 -11.94
CA GLY A 324 -2.58 22.35 -12.94
C GLY A 324 -1.32 23.08 -12.57
N VAL A 325 -0.90 23.01 -11.33
CA VAL A 325 0.25 23.73 -10.82
C VAL A 325 1.33 22.67 -10.54
N SER A 326 2.55 22.88 -11.05
N SER A 326 2.54 22.92 -11.05
CA SER A 326 3.57 21.83 -10.92
CA SER A 326 3.64 21.94 -10.96
C SER A 326 4.21 21.78 -9.52
C SER A 326 4.18 21.82 -9.54
N HIS A 327 4.63 22.95 -8.96
CA HIS A 327 5.31 22.88 -7.68
C HIS A 327 4.32 22.64 -6.53
N PRO A 328 4.72 21.90 -5.51
CA PRO A 328 3.89 21.80 -4.31
C PRO A 328 3.58 23.17 -3.74
N LEU A 329 2.39 23.28 -3.19
CA LEU A 329 1.97 24.54 -2.57
C LEU A 329 2.75 24.85 -1.29
N SER A 330 3.13 23.81 -0.55
CA SER A 330 4.01 23.94 0.61
C SER A 330 4.45 22.55 1.01
N ILE A 331 5.50 22.52 1.79
CA ILE A 331 6.10 21.31 2.35
C ILE A 331 6.38 21.60 3.81
N SER A 332 6.14 20.62 4.70
CA SER A 332 6.44 20.77 6.10
C SER A 332 6.97 19.45 6.62
N ILE A 333 7.91 19.55 7.57
CA ILE A 333 8.61 18.38 8.16
C ILE A 333 8.45 18.41 9.67
N PHE A 334 8.09 17.27 10.27
CA PHE A 334 7.93 17.15 11.71
C PHE A 334 8.76 15.95 12.13
N HIS A 335 9.70 16.14 13.07
CA HIS A 335 10.70 15.12 13.34
C HIS A 335 10.52 14.45 14.70
N TYR A 336 9.41 14.71 15.38
CA TYR A 336 9.06 13.98 16.61
C TYR A 336 10.08 14.18 17.70
N GLY A 337 10.91 15.22 17.64
CA GLY A 337 11.98 15.39 18.59
C GLY A 337 13.18 14.52 18.37
N THR A 338 13.33 13.92 17.19
CA THR A 338 14.40 12.98 16.93
C THR A 338 15.53 13.53 16.09
N SER A 339 15.50 14.84 15.78
CA SER A 339 16.57 15.48 15.04
C SER A 339 17.22 16.57 15.89
N GLN A 340 18.52 16.74 15.71
CA GLN A 340 19.18 17.92 16.22
C GLN A 340 18.96 19.13 15.34
N LYS A 341 18.57 18.94 14.08
CA LYS A 341 18.27 20.05 13.20
C LYS A 341 16.88 20.57 13.49
N SER A 342 16.71 21.84 13.26
CA SER A 342 15.39 22.40 13.42
C SER A 342 14.49 22.04 12.23
N GLU A 343 13.19 22.29 12.38
N GLU A 343 13.18 22.28 12.42
CA GLU A 343 12.29 21.99 11.28
CA GLU A 343 12.19 22.15 11.34
C GLU A 343 12.42 23.01 10.11
C GLU A 343 12.61 22.95 10.12
N ARG A 344 13.00 24.20 10.34
CA ARG A 344 13.46 25.04 9.23
C ARG A 344 14.66 24.44 8.53
N GLU A 345 15.66 23.97 9.31
N GLU A 345 15.64 23.97 9.31
CA GLU A 345 16.85 23.38 8.68
CA GLU A 345 16.84 23.37 8.75
C GLU A 345 16.48 22.15 7.88
C GLU A 345 16.50 22.14 7.92
N LEU A 346 15.60 21.28 8.42
CA LEU A 346 15.23 20.08 7.67
C LEU A 346 14.54 20.44 6.37
N LEU A 347 13.63 21.42 6.43
CA LEU A 347 12.99 21.87 5.20
C LEU A 347 14.02 22.38 4.18
N GLU A 348 15.03 23.13 4.62
N GLU A 348 15.00 23.17 4.62
CA GLU A 348 16.02 23.63 3.68
CA GLU A 348 16.06 23.64 3.71
C GLU A 348 16.81 22.48 3.08
C GLU A 348 16.77 22.46 3.07
N ILE A 349 17.09 21.44 3.85
CA ILE A 349 17.76 20.26 3.32
C ILE A 349 16.89 19.56 2.30
N VAL A 350 15.61 19.43 2.59
CA VAL A 350 14.69 18.80 1.65
C VAL A 350 14.61 19.60 0.35
N LYS A 351 14.47 20.94 0.45
CA LYS A 351 14.35 21.76 -0.74
C LYS A 351 15.61 21.71 -1.59
N LYS A 352 16.78 21.56 -0.96
CA LYS A 352 18.00 21.52 -1.73
C LYS A 352 18.22 20.17 -2.39
N ASN A 353 17.60 19.12 -1.87
CA ASN A 353 17.90 17.77 -2.34
C ASN A 353 16.79 17.15 -3.18
N PHE A 354 15.59 17.67 -3.11
CA PHE A 354 14.44 17.10 -3.79
C PHE A 354 13.67 18.15 -4.58
N ASP A 355 13.05 17.71 -5.67
CA ASP A 355 12.18 18.53 -6.50
C ASP A 355 10.89 17.75 -6.65
N LEU A 356 9.83 18.23 -6.03
CA LEU A 356 8.61 17.43 -5.92
C LEU A 356 7.55 17.84 -6.94
N ARG A 357 7.96 18.44 -8.05
CA ARG A 357 7.08 18.55 -9.18
C ARG A 357 6.84 17.16 -9.74
N PRO A 358 5.60 16.80 -10.11
CA PRO A 358 5.39 15.46 -10.65
C PRO A 358 6.22 15.13 -11.84
N GLY A 359 6.51 16.09 -12.70
CA GLY A 359 7.29 15.82 -13.88
C GLY A 359 8.77 15.68 -13.61
N VAL A 360 9.20 15.86 -12.35
CA VAL A 360 10.56 15.52 -11.94
C VAL A 360 10.55 14.23 -11.12
N ILE A 361 9.54 14.09 -10.26
CA ILE A 361 9.38 12.82 -9.55
C ILE A 361 9.36 11.64 -10.50
N VAL A 362 8.67 11.77 -11.63
CA VAL A 362 8.58 10.65 -12.58
C VAL A 362 9.96 10.19 -12.99
N ARG A 363 10.87 11.13 -13.17
CA ARG A 363 12.22 10.77 -13.57
C ARG A 363 12.99 10.16 -12.43
N ASP A 364 12.94 10.79 -11.26
CA ASP A 364 13.70 10.31 -10.11
C ASP A 364 13.25 8.93 -9.71
N LEU A 365 11.94 8.66 -9.76
CA LEU A 365 11.41 7.38 -9.28
C LEU A 365 11.03 6.43 -10.39
N ASP A 366 11.27 6.81 -11.64
CA ASP A 366 11.10 5.91 -12.79
C ASP A 366 9.64 5.46 -12.91
N LEU A 367 8.72 6.43 -12.81
CA LEU A 367 7.30 6.10 -12.60
C LEU A 367 6.54 5.81 -13.88
N LYS A 368 7.19 5.76 -15.03
CA LYS A 368 6.55 5.17 -16.20
C LYS A 368 6.77 3.65 -16.28
N LYS A 369 7.59 3.08 -15.42
CA LYS A 369 7.86 1.67 -15.52
C LYS A 369 6.66 0.85 -15.04
N PRO A 370 6.31 -0.22 -15.73
CA PRO A 370 5.11 -1.02 -15.37
C PRO A 370 5.38 -1.98 -14.21
N ILE A 371 5.62 -1.45 -13.02
CA ILE A 371 5.85 -2.24 -11.80
C ILE A 371 4.74 -2.08 -10.80
N TYR A 372 3.62 -1.48 -11.20
CA TYR A 372 2.66 -1.10 -10.20
C TYR A 372 1.83 -2.26 -9.64
N GLN A 373 1.56 -3.30 -10.42
CA GLN A 373 0.79 -4.39 -9.84
C GLN A 373 1.53 -4.99 -8.64
N ARG A 374 2.88 -4.99 -8.67
CA ARG A 374 3.65 -5.47 -7.53
C ARG A 374 3.48 -4.63 -6.29
N THR A 375 3.06 -3.37 -6.42
CA THR A 375 2.85 -2.55 -5.23
C THR A 375 1.51 -2.79 -4.54
N ALA A 376 0.56 -3.47 -5.19
CA ALA A 376 -0.85 -3.38 -4.87
C ALA A 376 -1.31 -4.36 -3.81
N ALA A 377 -0.41 -5.19 -3.27
CA ALA A 377 -0.70 -5.97 -2.07
C ALA A 377 0.53 -5.89 -1.16
N TYR A 378 0.30 -6.03 0.16
CA TYR A 378 1.34 -6.07 1.19
C TYR A 378 1.98 -4.73 1.43
N GLY A 379 1.32 -3.65 1.00
CA GLY A 379 1.82 -2.29 1.27
C GLY A 379 2.71 -1.77 0.16
N HIS A 380 2.66 -0.47 -0.08
CA HIS A 380 3.50 0.12 -1.13
C HIS A 380 4.88 0.49 -0.66
N PHE A 381 5.10 0.46 0.67
CA PHE A 381 6.29 0.96 1.30
C PHE A 381 6.96 -0.13 2.11
N GLY A 382 8.25 0.02 2.33
CA GLY A 382 9.01 -0.91 3.13
C GLY A 382 9.35 -2.23 2.49
N ARG A 383 9.21 -2.37 1.16
CA ARG A 383 9.39 -3.66 0.50
C ARG A 383 10.17 -3.52 -0.79
N ASP A 384 11.06 -4.48 -1.08
CA ASP A 384 11.53 -4.81 -2.43
C ASP A 384 12.39 -3.73 -3.07
N SER A 385 12.83 -2.74 -2.33
CA SER A 385 13.76 -1.76 -2.87
C SER A 385 13.22 -1.10 -4.13
N PHE A 386 11.91 -0.80 -4.17
CA PHE A 386 11.37 0.10 -5.19
C PHE A 386 12.15 1.41 -5.15
N PRO A 387 12.10 2.26 -6.18
CA PRO A 387 12.97 3.46 -6.12
C PRO A 387 12.72 4.38 -4.95
N TRP A 388 11.46 4.48 -4.49
CA TRP A 388 11.14 5.36 -3.35
C TRP A 388 11.63 4.77 -2.04
N GLU A 389 12.12 3.54 -2.06
CA GLU A 389 12.69 2.89 -0.90
C GLU A 389 14.21 2.94 -0.88
N VAL A 390 14.82 3.47 -1.91
CA VAL A 390 16.27 3.59 -1.97
C VAL A 390 16.61 5.01 -1.53
N PRO A 391 17.20 5.22 -0.36
CA PRO A 391 17.39 6.62 0.10
C PRO A 391 18.26 7.41 -0.85
N LYS A 392 17.95 8.70 -0.96
CA LYS A 392 18.81 9.64 -1.67
C LYS A 392 19.88 10.10 -0.70
N LYS A 393 21.13 10.13 -1.18
CA LYS A 393 22.25 10.69 -0.45
C LYS A 393 22.08 12.19 -0.35
N LEU A 394 22.04 12.73 0.87
CA LEU A 394 21.72 14.14 1.05
C LEU A 394 22.97 15.01 1.11
N LYS A 395 22.90 16.18 0.46
CA LYS A 395 23.96 17.17 0.43
C LYS A 395 23.54 18.40 1.23
N TYR A 396 24.39 18.81 2.16
CA TYR A 396 24.10 19.92 3.06
C TYR A 396 25.31 20.23 3.92
N SAM B . -19.96 -6.14 3.91
CA SAM B . -19.87 -7.00 5.09
C SAM B . -21.28 -7.34 5.59
O SAM B . -22.17 -7.43 4.75
OXT SAM B . -21.44 -7.54 6.81
CB SAM B . -18.97 -6.48 6.22
CG SAM B . -17.49 -6.30 5.80
SD SAM B . -16.63 -7.92 5.68
CE SAM B . -16.55 -8.44 7.44
C5' SAM B . -14.99 -7.25 5.39
C4' SAM B . -13.96 -8.34 5.14
O4' SAM B . -13.94 -9.30 6.19
C3' SAM B . -14.10 -9.16 3.86
O3' SAM B . -13.64 -8.47 2.72
C2' SAM B . -13.30 -10.41 4.19
O2' SAM B . -11.89 -10.11 4.09
C1' SAM B . -13.61 -10.55 5.67
N9 SAM B . -14.70 -11.51 5.87
C8 SAM B . -15.71 -11.81 5.00
N7 SAM B . -16.48 -12.80 5.48
C5 SAM B . -15.96 -13.11 6.73
C6 SAM B . -16.31 -14.05 7.69
N6 SAM B . -17.33 -14.89 7.57
N1 SAM B . -15.52 -14.12 8.80
C2 SAM B . -14.45 -13.27 8.96
N3 SAM B . -14.10 -12.30 8.08
C4 SAM B . -14.86 -12.30 6.97
CL CL C . -12.65 -4.83 4.69
C1 EDO D . 10.00 -15.51 13.59
O1 EDO D . 9.49 -16.46 14.51
C2 EDO D . 9.91 -16.14 12.21
O2 EDO D . 10.72 -17.33 12.17
CL CL E . -19.44 -3.32 5.16
C1 EDO F . -15.02 13.17 -21.96
O1 EDO F . -13.97 12.20 -22.00
C2 EDO F . -15.86 12.91 -20.72
O2 EDO F . -14.99 13.12 -19.61
C1 EDO G . 2.48 13.14 18.03
O1 EDO G . 3.58 12.25 17.82
C2 EDO G . 2.67 14.42 17.22
O2 EDO G . 1.73 15.43 17.64
C1 EDO H . 6.69 13.54 20.16
C1 EDO H . 6.66 13.81 20.11
O1 EDO H . 6.17 14.50 19.24
O1 EDO H . 6.65 14.51 18.85
C2 EDO H . 5.53 12.71 20.68
C2 EDO H . 6.56 12.30 19.97
O2 EDO H . 4.61 13.58 21.35
O2 EDO H . 5.17 11.92 19.92
C1 PEG I . 5.58 -5.48 29.08
O1 PEG I . 6.98 -5.36 29.07
C2 PEG I . 5.21 -6.39 30.24
O2 PEG I . 5.70 -7.69 30.03
C3 PEG I . 5.16 -8.63 30.92
C4 PEG I . 5.95 -9.93 30.86
O4 PEG I . 5.09 -11.01 31.13
C4 7UB J . 1.79 7.72 21.35
C5 7UB J . 2.33 7.82 22.61
C6 7UB J . 1.57 7.30 23.73
N1 7UB J . 0.34 6.80 23.45
N3 7UB J . 0.52 7.14 21.09
C2 7UB J . -0.11 6.68 22.15
CAB 7UB J . 3.85 8.90 20.37
CAC 7UB J . 2.41 8.35 20.14
CAF 7UB J . 3.65 8.40 22.90
CAL 7UB J . 1.71 9.53 19.38
CAN 7UB J . 1.51 7.61 18.14
CAO 7UB J . 2.53 7.28 19.04
CAP 7UB J . 0.27 9.68 17.69
CAQ 7UB J . -1.64 5.76 20.57
CAS 7UB J . 5.73 9.21 22.04
CAT 7UB J . 5.93 10.18 22.98
CAU 7UB J . 7.23 10.51 23.37
CAV 7UB J . 8.26 9.78 22.82
CAW 7UB J . 8.06 8.79 21.85
CAX 7UB J . 6.79 8.49 21.44
CAY 7UB J . -2.72 6.64 20.02
CAZ 7UB J . -3.49 6.81 18.92
CBA 7UB J . -3.91 7.29 20.16
CBB 7UB J . -0.09 9.41 16.19
CBE 7UB J . -0.84 8.47 14.28
CBF 7UB J . -0.81 8.33 15.67
CBH 7UB J . 9.83 11.02 24.21
NAA 7UB J . 4.37 8.85 21.72
NAK 7UB J . -1.34 6.00 21.99
NAM 7UB J . 1.36 9.17 18.16
NBC 7UB J . 0.33 10.15 15.20
NBD 7UB J . -0.17 9.59 14.06
OAR 7UB J . 4.56 9.33 19.53
OBG 7UB J . 9.59 10.03 23.21
#